data_1QNR
#
_entry.id   1QNR
#
_cell.length_a   50.748
_cell.length_b   54.922
_cell.length_c   61.363
_cell.angle_alpha   90.00
_cell.angle_beta   111.73
_cell.angle_gamma   90.00
#
_symmetry.space_group_name_H-M   'P 1 21 1'
#
loop_
_entity.id
_entity.type
_entity.pdbx_description
1 polymer ENDO-1,4-B-D-MANNANASE
2 branched beta-D-mannopyranose-(1-4)-beta-D-mannopyranose
3 non-polymer 'SULFATE ION'
4 non-polymer GLYCEROL
5 non-polymer 2-acetamido-2-deoxy-beta-D-glucopyranose
6 water water
#
_entity_poly.entity_id   1
_entity_poly.type   'polypeptide(L)'
_entity_poly.pdbx_seq_one_letter_code
;ASSFVTISGTQFNIDGKVGYFAGTNCYWCSFLTNHADVDSTFSHISSSGLKVVRVWGFNDVNTQPSPGQIWFQKLSATGS
TINTGADGLQTLDYVVQSAEQHNLKLIIPFVNNWSDYGGINAYVNAFGGNATTWYTNTAAQTQYRKYVQAVVSRYANSTA
IFAWELGNEPRCNGCSTDVIVQWATSVSQYVKSLDSNHLVTLGDEGLGLSTGDGAYPYTYGEGTDFAKNVQIKSLDFGTF
HLYPDSWGTNYTWGNGWIQTHAAACLAAGKPCVFEEYGAQQNPCTNEAPWQTTSLTTRGMGGDMFWQWGDTFANGAQSNS
DPYTVWYNSSNWQCLVKNHVDAIN
;
_entity_poly.pdbx_strand_id   A
#
loop_
_chem_comp.id
_chem_comp.type
_chem_comp.name
_chem_comp.formula
BMA D-saccharide, beta linking beta-D-mannopyranose 'C6 H12 O6'
GOL non-polymer GLYCEROL 'C3 H8 O3'
NAG D-saccharide, beta linking 2-acetamido-2-deoxy-beta-D-glucopyranose 'C8 H15 N O6'
SO4 non-polymer 'SULFATE ION' 'O4 S -2'
#
# COMPACT_ATOMS: atom_id res chain seq x y z
N ALA A 1 -15.96 -4.14 -18.52
CA ALA A 1 -16.13 -2.68 -18.29
C ALA A 1 -14.93 -2.16 -17.51
N SER A 2 -14.73 -0.86 -17.62
CA SER A 2 -13.65 -0.18 -16.92
C SER A 2 -14.18 1.19 -16.43
N SER A 3 -14.29 1.38 -15.11
CA SER A 3 -14.85 2.67 -14.61
C SER A 3 -14.00 3.16 -13.44
N PHE A 4 -14.27 4.31 -12.79
CA PHE A 4 -13.39 4.63 -11.64
C PHE A 4 -13.84 3.76 -10.44
N VAL A 5 -12.90 3.34 -9.59
CA VAL A 5 -13.23 2.56 -8.37
C VAL A 5 -13.85 3.52 -7.33
N THR A 6 -15.05 3.10 -6.84
CA THR A 6 -15.83 3.88 -5.86
C THR A 6 -16.24 2.99 -4.71
N ILE A 7 -16.87 3.60 -3.68
CA ILE A 7 -17.48 2.87 -2.56
C ILE A 7 -19.03 2.88 -2.67
N SER A 8 -19.62 1.74 -2.48
CA SER A 8 -21.13 1.61 -2.50
C SER A 8 -21.40 0.95 -1.17
N GLY A 9 -22.17 1.65 -0.25
CA GLY A 9 -22.34 1.04 1.11
C GLY A 9 -21.01 0.98 1.84
N THR A 10 -20.63 -0.14 2.43
CA THR A 10 -19.32 -0.30 3.03
C THR A 10 -18.52 -1.40 2.27
N GLN A 11 -18.77 -1.38 0.97
CA GLN A 11 -18.09 -2.29 0.04
C GLN A 11 -17.47 -1.48 -1.11
N PHE A 12 -16.54 -2.11 -1.85
CA PHE A 12 -16.02 -1.47 -3.05
C PHE A 12 -16.77 -1.85 -4.33
N ASN A 13 -16.88 -0.90 -5.25
CA ASN A 13 -17.46 -1.14 -6.58
C ASN A 13 -16.31 -1.06 -7.60
N ILE A 14 -15.94 -2.25 -8.15
CA ILE A 14 -14.80 -2.33 -9.07
C ILE A 14 -15.37 -2.75 -10.44
N ASP A 15 -15.25 -1.88 -11.43
CA ASP A 15 -15.79 -2.15 -12.78
C ASP A 15 -17.25 -2.62 -12.73
N GLY A 16 -18.02 -1.93 -11.86
CA GLY A 16 -19.48 -2.18 -11.82
C GLY A 16 -19.90 -3.27 -10.91
N LYS A 17 -18.99 -4.08 -10.35
CA LYS A 17 -19.27 -5.17 -9.48
C LYS A 17 -19.01 -4.80 -8.01
N VAL A 18 -20.03 -4.87 -7.19
CA VAL A 18 -19.95 -4.54 -5.77
C VAL A 18 -19.77 -5.83 -4.99
N GLY A 19 -18.69 -5.86 -4.19
CA GLY A 19 -18.43 -7.06 -3.36
C GLY A 19 -16.94 -7.17 -2.90
N TYR A 20 -16.71 -8.09 -2.00
CA TYR A 20 -15.36 -8.34 -1.45
C TYR A 20 -14.34 -8.67 -2.54
N PHE A 21 -13.07 -8.18 -2.38
CA PHE A 21 -12.02 -8.48 -3.36
C PHE A 21 -10.81 -9.10 -2.67
N ALA A 22 -10.09 -9.92 -3.45
CA ALA A 22 -8.72 -10.33 -3.05
C ALA A 22 -7.71 -9.64 -3.96
N GLY A 23 -6.58 -9.23 -3.35
CA GLY A 23 -5.47 -8.63 -4.12
C GLY A 23 -4.10 -9.09 -3.56
N THR A 24 -3.03 -8.45 -4.03
CA THR A 24 -1.67 -8.82 -3.55
C THR A 24 -0.74 -7.60 -3.58
N ASN A 25 0.36 -7.70 -2.81
CA ASN A 25 1.41 -6.68 -2.84
C ASN A 25 2.51 -7.08 -3.81
N CYS A 26 2.91 -6.16 -4.69
CA CYS A 26 4.03 -6.36 -5.63
C CYS A 26 4.83 -5.09 -5.73
N TYR A 27 5.58 -4.74 -4.63
CA TYR A 27 6.28 -3.44 -4.60
C TYR A 27 7.20 -3.30 -5.78
N TRP A 28 7.82 -4.43 -6.14
CA TRP A 28 8.96 -4.46 -7.06
C TRP A 28 8.50 -4.41 -8.53
N CYS A 29 7.18 -4.54 -8.76
CA CYS A 29 6.68 -4.44 -10.12
C CYS A 29 6.98 -3.08 -10.76
N SER A 30 6.98 -2.02 -9.90
CA SER A 30 7.27 -0.63 -10.38
C SER A 30 8.68 -0.40 -10.88
N PHE A 31 9.63 -1.31 -10.58
CA PHE A 31 11.04 -1.05 -10.95
C PHE A 31 11.50 -2.02 -12.03
N LEU A 32 10.62 -2.82 -12.58
CA LEU A 32 10.98 -3.72 -13.71
C LEU A 32 11.27 -2.87 -14.95
N THR A 33 12.36 -3.18 -15.67
CA THR A 33 12.68 -2.37 -16.86
C THR A 33 12.33 -3.09 -18.16
N ASN A 34 12.08 -4.40 -18.12
CA ASN A 34 11.68 -5.11 -19.33
C ASN A 34 10.13 -5.18 -19.33
N HIS A 35 9.44 -4.61 -20.29
CA HIS A 35 7.97 -4.66 -20.37
C HIS A 35 7.44 -6.05 -20.37
N ALA A 36 8.14 -7.02 -20.92
CA ALA A 36 7.65 -8.39 -20.97
C ALA A 36 7.51 -8.96 -19.56
N ASP A 37 8.34 -8.49 -18.61
CA ASP A 37 8.28 -8.99 -17.24
C ASP A 37 7.12 -8.39 -16.46
N VAL A 38 6.73 -7.15 -16.74
CA VAL A 38 5.48 -6.61 -16.16
C VAL A 38 4.30 -7.36 -16.76
N ASP A 39 4.29 -7.65 -18.07
CA ASP A 39 3.11 -8.29 -18.69
C ASP A 39 2.96 -9.74 -18.22
N SER A 40 4.08 -10.50 -18.05
CA SER A 40 3.86 -11.88 -17.59
C SER A 40 3.38 -11.92 -16.14
N THR A 41 3.91 -11.05 -15.29
CA THR A 41 3.51 -11.02 -13.88
C THR A 41 2.03 -10.62 -13.75
N PHE A 42 1.62 -9.53 -14.46
CA PHE A 42 0.20 -9.13 -14.39
C PHE A 42 -0.72 -10.14 -15.06
N SER A 43 -0.25 -10.85 -16.10
CA SER A 43 -1.10 -11.94 -16.65
C SER A 43 -1.39 -12.97 -15.59
N HIS A 44 -0.39 -13.38 -14.78
CA HIS A 44 -0.55 -14.41 -13.72
C HIS A 44 -1.44 -13.95 -12.57
N ILE A 45 -1.25 -12.67 -12.15
CA ILE A 45 -2.14 -12.14 -11.07
C ILE A 45 -3.59 -12.07 -11.57
N SER A 46 -3.85 -11.61 -12.80
CA SER A 46 -5.21 -11.52 -13.31
C SER A 46 -5.83 -12.91 -13.51
N SER A 47 -5.07 -13.86 -14.11
CA SER A 47 -5.67 -15.22 -14.30
C SER A 47 -5.90 -15.96 -13.00
N SER A 48 -5.20 -15.59 -11.89
CA SER A 48 -5.48 -16.17 -10.57
C SER A 48 -6.76 -15.62 -9.95
N GLY A 49 -7.33 -14.56 -10.50
CA GLY A 49 -8.58 -14.01 -9.98
C GLY A 49 -8.44 -12.83 -9.03
N LEU A 50 -7.19 -12.35 -8.85
CA LEU A 50 -6.96 -11.18 -7.99
C LEU A 50 -7.33 -9.92 -8.78
N LYS A 51 -7.81 -8.92 -8.05
CA LYS A 51 -8.34 -7.71 -8.78
C LYS A 51 -7.53 -6.47 -8.51
N VAL A 52 -6.66 -6.44 -7.49
CA VAL A 52 -5.95 -5.21 -7.02
C VAL A 52 -4.50 -5.56 -6.68
N VAL A 53 -3.58 -4.70 -7.11
CA VAL A 53 -2.13 -4.87 -6.86
C VAL A 53 -1.62 -3.59 -6.19
N ARG A 54 -0.81 -3.76 -5.12
CA ARG A 54 -0.17 -2.60 -4.43
C ARG A 54 1.27 -2.50 -4.91
N VAL A 55 1.67 -1.35 -5.48
CA VAL A 55 3.06 -1.17 -6.09
C VAL A 55 3.67 0.08 -5.47
N TRP A 56 5.03 0.16 -5.41
CA TRP A 56 5.61 1.44 -4.85
C TRP A 56 5.47 2.57 -5.87
N GLY A 57 5.08 3.77 -5.37
CA GLY A 57 5.06 4.98 -6.22
C GLY A 57 6.21 5.91 -5.95
N PHE A 58 7.28 5.42 -5.33
CA PHE A 58 8.46 6.17 -4.96
C PHE A 58 9.73 5.34 -5.22
N ASN A 59 10.83 6.13 -5.40
CA ASN A 59 12.19 5.53 -5.43
C ASN A 59 13.13 6.74 -5.31
N ASP A 60 13.42 7.09 -4.04
CA ASP A 60 14.13 8.31 -3.64
C ASP A 60 15.60 8.07 -3.40
N VAL A 61 16.42 8.96 -3.91
CA VAL A 61 17.90 8.88 -3.77
C VAL A 61 18.44 10.27 -3.40
N ASN A 62 19.65 10.24 -2.82
CA ASN A 62 20.36 11.52 -2.53
C ASN A 62 21.51 11.72 -3.53
N THR A 63 21.95 10.64 -4.19
CA THR A 63 22.98 10.79 -5.25
C THR A 63 22.39 10.02 -6.44
N GLN A 64 22.55 10.49 -7.63
CA GLN A 64 22.02 9.73 -8.76
C GLN A 64 22.80 8.41 -8.89
N PRO A 65 22.10 7.36 -9.20
CA PRO A 65 22.69 6.03 -9.25
C PRO A 65 23.54 5.79 -10.50
N SER A 66 24.16 4.58 -10.49
CA SER A 66 24.96 4.21 -11.66
C SER A 66 24.05 4.37 -12.87
N PRO A 67 24.56 4.78 -14.01
CA PRO A 67 23.82 4.86 -15.24
C PRO A 67 23.06 3.61 -15.65
N GLY A 68 21.76 3.70 -15.96
CA GLY A 68 20.83 2.63 -16.30
C GLY A 68 19.92 2.23 -15.13
N GLN A 69 20.32 2.57 -13.92
CA GLN A 69 19.58 2.25 -12.70
C GLN A 69 18.32 3.11 -12.56
N ILE A 70 17.25 2.56 -12.04
CA ILE A 70 16.00 3.33 -11.89
C ILE A 70 16.08 4.25 -10.67
N TRP A 71 15.54 5.46 -10.85
CA TRP A 71 15.32 6.42 -9.76
C TRP A 71 14.15 7.34 -10.10
N PHE A 72 13.24 7.65 -9.12
CA PHE A 72 12.12 8.54 -9.46
C PHE A 72 12.42 9.96 -8.96
N GLN A 73 13.17 10.18 -7.89
CA GLN A 73 13.41 11.55 -7.38
C GLN A 73 14.77 11.60 -6.68
N LYS A 74 15.52 12.71 -6.94
CA LYS A 74 16.80 12.97 -6.23
C LYS A 74 16.55 14.15 -5.29
N LEU A 75 16.79 13.93 -4.01
CA LEU A 75 16.55 14.91 -2.95
C LEU A 75 17.85 15.58 -2.56
N SER A 76 17.91 16.91 -2.70
CA SER A 76 19.15 17.65 -2.39
C SER A 76 18.75 19.02 -1.79
N ALA A 77 19.67 19.49 -0.91
CA ALA A 77 19.51 20.82 -0.31
C ALA A 77 19.63 21.94 -1.34
N THR A 78 20.27 21.70 -2.48
CA THR A 78 20.44 22.78 -3.47
C THR A 78 19.61 22.64 -4.71
N GLY A 79 18.53 21.85 -4.61
CA GLY A 79 17.60 21.68 -5.72
C GLY A 79 17.40 20.18 -6.03
N SER A 80 16.14 19.81 -5.94
CA SER A 80 15.80 18.38 -6.12
C SER A 80 15.33 18.20 -7.56
N THR A 81 15.40 16.94 -8.04
CA THR A 81 15.01 16.67 -9.40
C THR A 81 14.01 15.46 -9.43
N ILE A 82 12.95 15.58 -10.19
CA ILE A 82 11.97 14.48 -10.37
C ILE A 82 12.26 13.88 -11.74
N ASN A 83 12.57 12.57 -11.83
CA ASN A 83 12.95 11.92 -13.09
C ASN A 83 11.80 11.36 -13.90
N THR A 84 11.52 12.04 -15.03
CA THR A 84 10.47 11.59 -15.94
C THR A 84 11.03 10.91 -17.17
N GLY A 85 12.32 10.51 -17.15
CA GLY A 85 12.94 9.83 -18.28
C GLY A 85 12.69 8.32 -18.29
N ALA A 86 13.35 7.60 -19.22
CA ALA A 86 13.18 6.16 -19.38
C ALA A 86 13.68 5.34 -18.19
N ASP A 87 14.62 5.90 -17.41
CA ASP A 87 15.09 5.23 -16.18
C ASP A 87 14.37 5.85 -14.97
N GLY A 88 13.25 6.53 -15.20
CA GLY A 88 12.50 7.15 -14.12
C GLY A 88 11.03 6.82 -14.12
N LEU A 89 10.10 7.75 -14.06
CA LEU A 89 8.65 7.42 -13.97
C LEU A 89 8.09 6.74 -15.19
N GLN A 90 8.81 6.75 -16.33
CA GLN A 90 8.30 5.91 -17.45
C GLN A 90 8.25 4.46 -17.07
N THR A 91 8.95 3.85 -16.13
CA THR A 91 8.78 2.46 -15.70
C THR A 91 7.40 2.35 -15.02
N LEU A 92 7.04 3.32 -14.14
CA LEU A 92 5.65 3.28 -13.56
C LEU A 92 4.57 3.55 -14.61
N ASP A 93 4.88 4.31 -15.66
CA ASP A 93 3.82 4.50 -16.69
C ASP A 93 3.46 3.14 -17.32
N TYR A 94 4.45 2.25 -17.56
CA TYR A 94 4.16 0.96 -18.17
C TYR A 94 3.32 0.06 -17.26
N VAL A 95 3.62 0.13 -15.91
CA VAL A 95 2.81 -0.60 -14.95
C VAL A 95 1.36 -0.18 -15.02
N VAL A 96 1.11 1.14 -15.09
CA VAL A 96 -0.30 1.57 -15.22
C VAL A 96 -0.89 1.15 -16.59
N GLN A 97 -0.12 1.19 -17.67
CA GLN A 97 -0.56 0.73 -19.00
C GLN A 97 -0.96 -0.74 -18.94
N SER A 98 -0.13 -1.59 -18.29
CA SER A 98 -0.40 -3.05 -18.18
C SER A 98 -1.59 -3.32 -17.30
N ALA A 99 -1.76 -2.53 -16.20
CA ALA A 99 -2.97 -2.71 -15.34
C ALA A 99 -4.22 -2.40 -16.16
N GLU A 100 -4.21 -1.32 -16.98
CA GLU A 100 -5.37 -1.04 -17.83
C GLU A 100 -5.65 -2.21 -18.79
N GLN A 101 -4.62 -2.82 -19.38
CA GLN A 101 -4.84 -3.91 -20.34
C GLN A 101 -5.33 -5.17 -19.67
N HIS A 102 -4.89 -5.48 -18.45
CA HIS A 102 -5.21 -6.71 -17.73
C HIS A 102 -6.41 -6.53 -16.80
N ASN A 103 -7.05 -5.37 -16.79
CA ASN A 103 -8.22 -5.09 -15.95
C ASN A 103 -7.88 -5.23 -14.46
N LEU A 104 -6.73 -4.71 -14.12
CA LEU A 104 -6.34 -4.69 -12.67
C LEU A 104 -6.37 -3.23 -12.14
N LYS A 105 -6.53 -3.09 -10.83
CA LYS A 105 -6.51 -1.75 -10.22
C LYS A 105 -5.26 -1.63 -9.30
N LEU A 106 -4.73 -0.43 -9.13
CA LEU A 106 -3.49 -0.28 -8.35
C LEU A 106 -3.61 0.65 -7.11
N ILE A 107 -3.00 0.21 -5.98
CA ILE A 107 -2.86 1.11 -4.81
C ILE A 107 -1.43 1.65 -4.88
N ILE A 108 -1.23 2.98 -4.82
CA ILE A 108 0.10 3.56 -5.01
C ILE A 108 0.47 4.57 -3.91
N PRO A 109 1.38 4.18 -2.99
CA PRO A 109 1.88 5.10 -1.95
C PRO A 109 3.00 5.99 -2.48
N PHE A 110 3.10 7.24 -1.92
CA PHE A 110 4.02 8.27 -2.38
C PHE A 110 5.38 8.35 -1.69
N VAL A 111 5.51 7.78 -0.49
CA VAL A 111 6.79 7.83 0.27
C VAL A 111 6.81 6.59 1.18
N ASN A 112 8.02 6.18 1.57
CA ASN A 112 8.17 5.08 2.56
C ASN A 112 8.49 5.67 3.96
N ASN A 113 7.84 5.10 5.01
CA ASN A 113 8.30 5.47 6.36
C ASN A 113 9.74 4.97 6.57
N TRP A 114 10.03 3.80 6.01
CA TRP A 114 11.34 3.14 6.20
C TRP A 114 12.35 3.50 5.13
N SER A 115 13.64 3.16 5.34
CA SER A 115 14.70 3.64 4.46
C SER A 115 14.91 2.88 3.17
N ASP A 116 14.08 1.82 2.94
CA ASP A 116 14.15 1.10 1.70
C ASP A 116 13.70 2.00 0.54
N TYR A 117 14.46 2.12 -0.55
CA TYR A 117 14.12 3.02 -1.66
C TYR A 117 14.00 4.46 -1.16
N GLY A 118 14.90 4.82 -0.20
CA GLY A 118 15.08 6.20 0.27
C GLY A 118 14.30 6.55 1.51
N GLY A 119 12.97 6.71 1.37
CA GLY A 119 12.07 6.94 2.49
C GLY A 119 12.22 8.35 3.07
N ILE A 120 11.59 8.51 4.26
CA ILE A 120 11.67 9.71 5.10
C ILE A 120 13.18 10.01 5.30
N ASN A 121 14.03 8.99 5.53
CA ASN A 121 15.47 9.23 5.76
C ASN A 121 16.13 9.95 4.60
N ALA A 122 15.75 9.72 3.34
CA ALA A 122 16.36 10.45 2.21
C ALA A 122 15.94 11.92 2.31
N TYR A 123 14.71 12.28 2.72
CA TYR A 123 14.33 13.68 2.95
C TYR A 123 15.13 14.26 4.11
N VAL A 124 15.33 13.53 5.22
CA VAL A 124 16.13 14.07 6.35
C VAL A 124 17.56 14.35 5.88
N ASN A 125 18.16 13.53 5.07
CA ASN A 125 19.54 13.81 4.58
C ASN A 125 19.58 15.14 3.79
N ALA A 126 18.55 15.47 3.01
CA ALA A 126 18.57 16.67 2.20
C ALA A 126 18.12 17.90 2.97
N PHE A 127 17.10 17.81 3.84
CA PHE A 127 16.42 18.96 4.43
C PHE A 127 16.58 19.03 5.92
N GLY A 128 17.39 18.17 6.55
CA GLY A 128 17.60 18.31 8.00
C GLY A 128 16.53 17.82 8.91
N GLY A 129 16.66 18.18 10.20
CA GLY A 129 15.69 17.62 11.18
C GLY A 129 15.93 16.10 11.39
N ASN A 130 14.78 15.45 11.75
CA ASN A 130 14.84 13.99 11.94
C ASN A 130 13.55 13.32 11.49
N ALA A 131 13.42 12.00 11.74
CA ALA A 131 12.26 11.23 11.24
C ALA A 131 10.92 11.63 11.83
N THR A 132 10.90 12.28 13.00
CA THR A 132 9.63 12.75 13.57
C THR A 132 9.33 14.23 13.26
N THR A 133 10.35 15.03 13.06
CA THR A 133 10.08 16.43 12.63
C THR A 133 9.80 16.49 11.14
N TRP A 134 9.99 15.42 10.36
CA TRP A 134 9.73 15.41 8.91
C TRP A 134 8.35 15.93 8.56
N TYR A 135 7.34 15.55 9.35
CA TYR A 135 5.93 15.91 9.08
C TYR A 135 5.70 17.42 9.07
N THR A 136 6.54 18.20 9.79
CA THR A 136 6.31 19.67 9.83
C THR A 136 7.55 20.39 9.33
N ASN A 137 8.46 19.74 8.60
CA ASN A 137 9.66 20.36 7.99
C ASN A 137 9.24 21.03 6.68
N THR A 138 9.27 22.41 6.64
CA THR A 138 8.69 23.06 5.44
C THR A 138 9.38 22.68 4.12
N ALA A 139 10.72 22.65 4.06
CA ALA A 139 11.38 22.29 2.79
C ALA A 139 11.08 20.84 2.44
N ALA A 140 11.05 19.92 3.42
CA ALA A 140 10.74 18.49 3.05
C ALA A 140 9.30 18.36 2.57
N GLN A 141 8.34 19.01 3.26
CA GLN A 141 6.93 18.86 2.82
C GLN A 141 6.69 19.56 1.49
N THR A 142 7.40 20.70 1.21
CA THR A 142 7.24 21.35 -0.08
C THR A 142 7.70 20.45 -1.22
N GLN A 143 8.83 19.74 -1.08
CA GLN A 143 9.27 18.79 -2.10
C GLN A 143 8.40 17.55 -2.15
N TYR A 144 7.96 16.98 -1.03
CA TYR A 144 7.03 15.83 -1.03
C TYR A 144 5.77 16.19 -1.82
N ARG A 145 5.20 17.40 -1.56
CA ARG A 145 3.97 17.75 -2.32
C ARG A 145 4.26 17.99 -3.82
N LYS A 146 5.45 18.46 -4.17
CA LYS A 146 5.79 18.59 -5.60
C LYS A 146 5.87 17.19 -6.22
N TYR A 147 6.37 16.20 -5.47
CA TYR A 147 6.41 14.80 -6.01
C TYR A 147 5.04 14.18 -6.08
N VAL A 148 4.18 14.36 -5.11
CA VAL A 148 2.76 13.96 -5.18
C VAL A 148 2.14 14.54 -6.46
N GLN A 149 2.30 15.87 -6.67
CA GLN A 149 1.68 16.38 -7.93
C GLN A 149 2.23 15.72 -9.17
N ALA A 150 3.53 15.47 -9.20
CA ALA A 150 4.12 14.84 -10.43
C ALA A 150 3.56 13.44 -10.66
N VAL A 151 3.26 12.67 -9.58
CA VAL A 151 2.71 11.33 -9.83
C VAL A 151 1.23 11.37 -10.11
N VAL A 152 0.45 12.11 -9.29
CA VAL A 152 -1.00 12.16 -9.45
C VAL A 152 -1.39 12.72 -10.81
N SER A 153 -0.68 13.80 -11.27
CA SER A 153 -1.11 14.39 -12.56
C SER A 153 -0.88 13.44 -13.71
N ARG A 154 -0.01 12.43 -13.62
CA ARG A 154 0.15 11.51 -14.74
C ARG A 154 -1.04 10.61 -14.95
N TYR A 155 -1.71 10.18 -13.84
CA TYR A 155 -2.69 9.09 -13.93
C TYR A 155 -4.05 9.53 -13.40
N ALA A 156 -4.27 10.85 -13.15
CA ALA A 156 -5.52 11.34 -12.53
C ALA A 156 -6.78 10.91 -13.27
N ASN A 157 -6.74 10.68 -14.63
CA ASN A 157 -7.92 10.30 -15.35
C ASN A 157 -7.92 8.85 -15.84
N SER A 158 -6.97 8.07 -15.32
CA SER A 158 -6.92 6.64 -15.62
C SER A 158 -7.89 5.84 -14.73
N THR A 159 -8.64 4.88 -15.26
CA THR A 159 -9.51 4.05 -14.43
C THR A 159 -8.74 2.87 -13.77
N ALA A 160 -7.43 2.78 -13.97
CA ALA A 160 -6.68 1.69 -13.29
C ALA A 160 -6.23 2.06 -11.91
N ILE A 161 -6.39 3.26 -11.38
CA ILE A 161 -6.00 3.57 -10.00
C ILE A 161 -7.09 3.21 -9.01
N PHE A 162 -6.79 2.27 -8.09
CA PHE A 162 -7.72 1.92 -7.00
C PHE A 162 -7.79 3.06 -5.97
N ALA A 163 -6.60 3.47 -5.50
CA ALA A 163 -6.50 4.60 -4.54
C ALA A 163 -5.06 5.17 -4.53
N TRP A 164 -5.00 6.47 -4.22
CA TRP A 164 -3.69 7.10 -3.85
C TRP A 164 -3.49 6.82 -2.34
N GLU A 165 -2.24 6.64 -1.92
CA GLU A 165 -1.93 6.31 -0.52
C GLU A 165 -0.82 7.25 -0.09
N LEU A 166 -1.05 7.87 1.12
CA LEU A 166 -0.10 8.91 1.54
C LEU A 166 1.28 8.33 1.78
N GLY A 167 1.43 7.15 2.39
CA GLY A 167 2.80 6.58 2.50
C GLY A 167 2.66 5.11 2.87
N ASN A 168 3.83 4.43 2.79
CA ASN A 168 3.89 3.06 3.32
C ASN A 168 4.19 3.10 4.83
N GLU A 169 3.23 2.70 5.67
CA GLU A 169 3.43 2.51 7.14
C GLU A 169 3.89 3.77 7.84
N PRO A 170 3.31 4.97 7.63
CA PRO A 170 3.75 6.17 8.35
C PRO A 170 3.69 5.95 9.87
N ARG A 171 4.76 6.36 10.56
CA ARG A 171 4.82 6.34 12.03
C ARG A 171 5.43 7.65 12.51
N CYS A 172 5.20 7.97 13.78
CA CYS A 172 5.88 9.14 14.39
C CYS A 172 6.25 8.64 15.79
N ASN A 173 7.40 7.96 15.90
CA ASN A 173 7.68 7.24 17.18
C ASN A 173 7.71 8.21 18.39
N GLY A 174 6.91 7.86 19.42
CA GLY A 174 6.83 8.73 20.63
C GLY A 174 6.13 10.05 20.44
N CYS A 175 5.60 10.40 19.24
CA CYS A 175 4.93 11.67 19.05
C CYS A 175 3.50 11.65 19.55
N SER A 176 2.99 12.90 19.80
CA SER A 176 1.54 12.99 19.98
C SER A 176 0.88 12.39 18.70
N THR A 177 -0.26 11.74 18.88
CA THR A 177 -0.94 11.18 17.70
C THR A 177 -1.57 12.25 16.81
N ASP A 178 -1.62 13.51 17.26
CA ASP A 178 -2.19 14.61 16.46
C ASP A 178 -1.22 15.02 15.36
N VAL A 179 0.08 14.72 15.45
CA VAL A 179 0.98 15.15 14.33
C VAL A 179 0.57 14.40 13.05
N ILE A 180 0.39 13.10 13.08
CA ILE A 180 -0.09 12.41 11.85
C ILE A 180 -1.51 12.75 11.57
N VAL A 181 -2.43 13.06 12.53
CA VAL A 181 -3.80 13.46 12.14
C VAL A 181 -3.74 14.75 11.33
N GLN A 182 -3.01 15.77 11.77
CA GLN A 182 -2.98 17.06 11.04
C GLN A 182 -2.26 16.94 9.72
N TRP A 183 -1.18 16.17 9.62
CA TRP A 183 -0.48 16.00 8.32
C TRP A 183 -1.38 15.21 7.36
N ALA A 184 -2.00 14.12 7.81
CA ALA A 184 -2.84 13.35 6.88
C ALA A 184 -4.07 14.12 6.43
N THR A 185 -4.62 14.97 7.32
CA THR A 185 -5.75 15.81 6.92
C THR A 185 -5.32 16.76 5.82
N SER A 186 -4.24 17.51 5.97
CA SER A 186 -3.79 18.46 4.96
C SER A 186 -3.34 17.80 3.66
N VAL A 187 -2.57 16.68 3.74
CA VAL A 187 -2.09 16.09 2.48
C VAL A 187 -3.25 15.43 1.74
N SER A 188 -4.18 14.76 2.41
CA SER A 188 -5.31 14.13 1.65
C SER A 188 -6.18 15.22 1.02
N GLN A 189 -6.43 16.35 1.70
CA GLN A 189 -7.11 17.48 1.03
C GLN A 189 -6.35 17.93 -0.20
N TYR A 190 -5.02 17.99 -0.17
CA TYR A 190 -4.24 18.37 -1.38
C TYR A 190 -4.41 17.37 -2.48
N VAL A 191 -4.35 16.06 -2.19
CA VAL A 191 -4.55 15.05 -3.25
C VAL A 191 -5.94 15.20 -3.87
N LYS A 192 -6.97 15.41 -3.06
CA LYS A 192 -8.34 15.59 -3.61
C LYS A 192 -8.44 16.85 -4.48
N SER A 193 -7.60 17.87 -4.22
CA SER A 193 -7.60 19.10 -5.06
C SER A 193 -6.96 18.88 -6.41
N LEU A 194 -6.14 17.79 -6.54
CA LEU A 194 -5.50 17.46 -7.80
C LEU A 194 -6.29 16.43 -8.60
N ASP A 195 -7.20 15.68 -7.99
CA ASP A 195 -7.87 14.53 -8.62
C ASP A 195 -9.18 14.23 -7.86
N SER A 196 -10.35 14.55 -8.47
CA SER A 196 -11.63 14.22 -7.81
C SER A 196 -12.24 12.88 -8.21
N ASN A 197 -11.50 12.08 -9.04
CA ASN A 197 -11.98 10.83 -9.51
C ASN A 197 -11.68 9.65 -8.58
N HIS A 198 -10.58 9.75 -7.81
CA HIS A 198 -10.06 8.55 -7.08
C HIS A 198 -10.11 8.62 -5.57
N LEU A 199 -10.25 7.41 -4.97
CA LEU A 199 -10.18 7.25 -3.52
C LEU A 199 -8.79 7.57 -2.96
N VAL A 200 -8.69 7.98 -1.69
CA VAL A 200 -7.45 8.28 -0.98
C VAL A 200 -7.48 7.55 0.37
N THR A 201 -6.27 7.02 0.78
CA THR A 201 -6.16 6.31 2.05
C THR A 201 -4.77 6.61 2.67
N LEU A 202 -4.57 6.32 3.97
CA LEU A 202 -3.35 6.69 4.66
C LEU A 202 -2.18 5.68 4.43
N GLY A 203 -2.42 4.37 4.45
CA GLY A 203 -1.31 3.42 4.35
C GLY A 203 -0.69 2.99 5.67
N ASP A 204 -1.28 3.43 6.79
CA ASP A 204 -0.76 2.98 8.09
C ASP A 204 -1.05 1.51 8.36
N GLU A 205 -0.28 1.04 9.38
CA GLU A 205 -0.40 -0.37 9.86
C GLU A 205 -1.61 -0.68 10.70
N GLY A 206 -2.31 0.40 11.22
CA GLY A 206 -3.43 0.23 12.13
C GLY A 206 -3.06 0.34 13.62
N LEU A 207 -1.82 0.72 13.93
CA LEU A 207 -1.42 0.73 15.35
C LEU A 207 -2.25 1.78 16.11
N GLY A 208 -2.50 1.49 17.40
CA GLY A 208 -3.17 2.43 18.31
C GLY A 208 -4.67 2.24 18.30
N LEU A 209 -5.24 1.33 19.09
CA LEU A 209 -6.71 1.05 19.08
C LEU A 209 -7.05 0.46 20.45
N SER A 210 -8.04 1.08 21.13
CA SER A 210 -8.24 0.73 22.58
C SER A 210 -9.19 -0.41 22.80
N THR A 211 -9.74 -1.08 21.81
CA THR A 211 -10.69 -2.18 21.96
C THR A 211 -10.06 -3.56 21.87
N GLY A 212 -8.71 -3.62 21.91
CA GLY A 212 -7.95 -4.84 21.84
C GLY A 212 -7.57 -5.40 23.24
N ASP A 213 -6.46 -6.12 23.22
CA ASP A 213 -5.99 -6.80 24.47
C ASP A 213 -4.79 -6.12 25.11
N GLY A 214 -4.46 -4.92 24.62
CA GLY A 214 -3.32 -4.26 25.31
C GLY A 214 -1.96 -4.70 24.82
N ALA A 215 -1.83 -5.59 23.83
CA ALA A 215 -0.47 -5.90 23.31
C ALA A 215 0.13 -4.62 22.69
N TYR A 216 1.47 -4.57 22.51
CA TYR A 216 2.10 -3.39 21.93
C TYR A 216 1.48 -2.80 20.68
N PRO A 217 1.05 -3.56 19.67
CA PRO A 217 0.46 -2.91 18.49
C PRO A 217 -0.80 -2.12 18.84
N TYR A 218 -1.59 -2.51 19.88
CA TYR A 218 -2.76 -1.69 20.24
C TYR A 218 -2.39 -0.40 21.03
N THR A 219 -1.16 -0.29 21.54
CA THR A 219 -0.86 0.92 22.36
C THR A 219 -0.52 2.10 21.46
N TYR A 220 -0.12 3.24 22.03
CA TYR A 220 0.05 4.51 21.32
C TYR A 220 1.48 4.99 21.34
N GLY A 221 2.47 4.13 21.13
CA GLY A 221 3.85 4.52 21.09
C GLY A 221 4.45 4.88 19.73
N GLU A 222 3.63 4.68 18.66
CA GLU A 222 4.12 4.91 17.28
C GLU A 222 3.45 6.11 16.64
N GLY A 223 2.80 6.98 17.46
CA GLY A 223 2.24 8.20 16.88
C GLY A 223 0.93 8.07 16.10
N THR A 224 0.31 6.87 16.11
CA THR A 224 -0.97 6.76 15.33
C THR A 224 -2.12 6.31 16.19
N ASP A 225 -3.31 6.88 15.91
CA ASP A 225 -4.57 6.53 16.59
C ASP A 225 -5.52 6.10 15.46
N PHE A 226 -5.75 4.79 15.35
CA PHE A 226 -6.54 4.28 14.21
C PHE A 226 -7.92 4.88 14.08
N ALA A 227 -8.66 4.95 15.21
CA ALA A 227 -10.01 5.54 15.14
C ALA A 227 -10.01 7.02 14.78
N LYS A 228 -9.04 7.79 15.25
CA LYS A 228 -8.94 9.21 14.89
C LYS A 228 -8.61 9.36 13.39
N ASN A 229 -7.71 8.51 12.86
CA ASN A 229 -7.32 8.64 11.48
C ASN A 229 -8.48 8.29 10.53
N VAL A 230 -9.21 7.18 10.85
CA VAL A 230 -10.23 6.83 9.83
C VAL A 230 -11.44 7.76 9.87
N GLN A 231 -11.58 8.66 10.80
CA GLN A 231 -12.62 9.67 10.84
C GLN A 231 -12.29 10.89 10.00
N ILE A 232 -11.07 11.05 9.44
CA ILE A 232 -10.71 12.19 8.58
C ILE A 232 -11.57 12.15 7.32
N LYS A 233 -12.25 13.27 6.98
CA LYS A 233 -13.22 13.24 5.91
C LYS A 233 -12.67 12.97 4.54
N SER A 234 -11.40 13.41 4.32
CA SER A 234 -10.73 13.25 3.02
C SER A 234 -9.98 11.92 2.91
N LEU A 235 -10.13 10.99 3.87
CA LEU A 235 -9.65 9.57 3.70
C LEU A 235 -10.92 8.77 3.50
N ASP A 236 -10.98 7.90 2.48
CA ASP A 236 -12.20 7.20 2.09
C ASP A 236 -12.37 5.83 2.71
N PHE A 237 -11.26 5.20 3.14
CA PHE A 237 -11.31 3.86 3.76
C PHE A 237 -10.08 3.67 4.66
N GLY A 238 -10.14 2.69 5.58
CA GLY A 238 -9.01 2.44 6.48
C GLY A 238 -8.10 1.32 5.97
N THR A 239 -6.82 1.35 6.35
CA THR A 239 -5.87 0.26 6.06
C THR A 239 -5.29 -0.28 7.35
N PHE A 240 -4.99 -1.59 7.38
CA PHE A 240 -4.21 -2.14 8.51
C PHE A 240 -3.36 -3.32 8.03
N HIS A 241 -2.21 -3.55 8.68
CA HIS A 241 -1.25 -4.61 8.31
C HIS A 241 -1.09 -5.61 9.50
N LEU A 242 -0.41 -6.75 9.24
CA LEU A 242 -0.38 -7.74 10.36
C LEU A 242 0.90 -8.61 10.21
N TYR A 243 1.77 -8.49 11.24
CA TYR A 243 3.02 -9.26 11.26
C TYR A 243 3.39 -9.71 12.68
N PRO A 244 2.72 -10.79 13.13
CA PRO A 244 3.00 -11.31 14.51
C PRO A 244 4.49 -11.60 14.74
N ASP A 245 5.25 -12.09 13.75
CA ASP A 245 6.69 -12.33 13.97
C ASP A 245 7.49 -11.09 14.28
N SER A 246 7.14 -9.91 13.81
CA SER A 246 7.89 -8.71 14.08
C SER A 246 7.33 -8.02 15.33
N TRP A 247 6.08 -8.38 15.68
CA TRP A 247 5.42 -7.61 16.75
C TRP A 247 5.38 -8.32 18.11
N GLY A 248 5.91 -9.56 18.14
CA GLY A 248 5.94 -10.24 19.47
C GLY A 248 4.64 -10.88 19.86
N THR A 249 3.72 -11.16 18.91
CA THR A 249 2.44 -11.78 19.26
C THR A 249 2.37 -13.17 18.64
N ASN A 250 1.39 -14.00 18.99
CA ASN A 250 1.26 -15.30 18.33
C ASN A 250 0.38 -15.15 17.06
N TYR A 251 0.34 -16.20 16.22
CA TYR A 251 -0.42 -16.07 15.00
C TYR A 251 -1.90 -15.98 15.21
N THR A 252 -2.53 -16.73 16.15
CA THR A 252 -3.98 -16.72 16.37
C THR A 252 -4.52 -15.41 16.92
N TRP A 253 -3.65 -14.60 17.51
CA TRP A 253 -3.97 -13.22 17.93
C TRP A 253 -4.39 -12.36 16.74
N GLY A 254 -3.98 -12.73 15.52
CA GLY A 254 -4.32 -11.96 14.31
C GLY A 254 -5.80 -11.93 14.01
N ASN A 255 -6.57 -12.95 14.44
CA ASN A 255 -8.02 -12.93 14.18
C ASN A 255 -8.67 -11.76 14.91
N GLY A 256 -8.33 -11.56 16.21
CA GLY A 256 -8.89 -10.42 16.96
C GLY A 256 -8.44 -9.07 16.40
N TRP A 257 -7.16 -8.99 15.92
CA TRP A 257 -6.67 -7.78 15.25
C TRP A 257 -7.53 -7.40 14.03
N ILE A 258 -7.89 -8.40 13.19
CA ILE A 258 -8.79 -8.11 12.07
C ILE A 258 -10.15 -7.65 12.59
N GLN A 259 -10.75 -8.40 13.57
CA GLN A 259 -12.09 -8.06 14.05
C GLN A 259 -12.15 -6.63 14.65
N THR A 260 -11.17 -6.24 15.48
CA THR A 260 -11.25 -4.90 16.08
C THR A 260 -11.10 -3.78 15.04
N HIS A 261 -10.24 -3.98 14.04
CA HIS A 261 -10.09 -2.94 13.00
C HIS A 261 -11.35 -2.86 12.11
N ALA A 262 -11.92 -4.02 11.72
CA ALA A 262 -13.15 -4.02 10.95
C ALA A 262 -14.24 -3.23 11.65
N ALA A 263 -14.35 -3.49 12.96
CA ALA A 263 -15.44 -2.78 13.72
C ALA A 263 -15.20 -1.31 13.80
N ALA A 264 -13.95 -0.81 13.92
CA ALA A 264 -13.65 0.61 13.93
C ALA A 264 -13.90 1.29 12.55
N CYS A 265 -13.61 0.60 11.45
CA CYS A 265 -13.98 1.12 10.13
C CYS A 265 -15.51 1.22 9.98
N LEU A 266 -16.24 0.18 10.37
CA LEU A 266 -17.73 0.17 10.23
C LEU A 266 -18.31 1.23 11.15
N ALA A 267 -17.76 1.49 12.34
CA ALA A 267 -18.23 2.61 13.19
C ALA A 267 -18.04 3.95 12.53
N ALA A 268 -17.01 4.16 11.72
CA ALA A 268 -16.79 5.41 10.99
C ALA A 268 -17.55 5.43 9.66
N GLY A 269 -18.35 4.42 9.31
CA GLY A 269 -19.13 4.39 8.11
C GLY A 269 -18.41 4.01 6.81
N LYS A 270 -17.21 3.40 6.95
CA LYS A 270 -16.32 3.15 5.78
C LYS A 270 -15.79 1.73 5.74
N PRO A 271 -15.36 1.22 4.58
CA PRO A 271 -14.70 -0.10 4.52
C PRO A 271 -13.28 -0.03 5.08
N CYS A 272 -12.81 -1.22 5.50
CA CYS A 272 -11.41 -1.42 5.81
C CYS A 272 -10.78 -2.35 4.77
N VAL A 273 -9.47 -2.14 4.47
CA VAL A 273 -8.66 -3.05 3.62
C VAL A 273 -7.54 -3.64 4.50
N PHE A 274 -7.52 -4.98 4.54
CA PHE A 274 -6.48 -5.76 5.25
C PHE A 274 -5.29 -5.80 4.26
N GLU A 275 -4.43 -4.77 4.30
CA GLU A 275 -3.57 -4.41 3.15
C GLU A 275 -2.23 -5.11 3.09
N GLU A 276 -1.72 -5.65 4.21
CA GLU A 276 -0.53 -6.50 4.19
C GLU A 276 -0.63 -7.54 5.29
N TYR A 277 -0.13 -8.75 5.08
CA TYR A 277 -0.04 -9.73 6.19
C TYR A 277 0.93 -10.86 5.77
N GLY A 278 1.52 -11.50 6.77
CA GLY A 278 2.34 -12.70 6.47
C GLY A 278 2.70 -13.39 7.78
N ALA A 279 3.00 -14.68 7.66
CA ALA A 279 3.55 -15.51 8.76
C ALA A 279 4.82 -16.15 8.25
N GLN A 280 5.93 -16.06 9.00
CA GLN A 280 7.18 -16.66 8.48
C GLN A 280 7.14 -18.18 8.55
N GLN A 281 6.52 -18.70 9.62
CA GLN A 281 6.48 -20.19 9.70
C GLN A 281 5.13 -20.70 9.23
N ASN A 282 5.07 -21.81 8.46
CA ASN A 282 3.88 -22.47 8.02
C ASN A 282 2.75 -21.50 7.58
N PRO A 283 2.99 -20.78 6.51
CA PRO A 283 2.01 -19.77 6.05
C PRO A 283 0.68 -20.34 5.63
N CYS A 284 0.65 -21.55 5.01
CA CYS A 284 -0.67 -22.08 4.67
C CYS A 284 -1.56 -22.36 5.88
N THR A 285 -0.95 -22.98 6.91
CA THR A 285 -1.65 -23.27 8.15
C THR A 285 -2.02 -21.99 8.91
N ASN A 286 -1.09 -21.04 9.03
CA ASN A 286 -1.33 -19.88 9.89
C ASN A 286 -2.05 -18.68 9.27
N GLU A 287 -1.99 -18.51 7.93
CA GLU A 287 -2.62 -17.35 7.28
C GLU A 287 -4.01 -17.67 6.73
N ALA A 288 -4.33 -18.97 6.45
CA ALA A 288 -5.68 -19.33 5.97
C ALA A 288 -6.78 -18.89 6.92
N PRO A 289 -6.67 -19.08 8.26
CA PRO A 289 -7.70 -18.60 9.19
C PRO A 289 -7.91 -17.08 9.16
N TRP A 290 -6.81 -16.33 8.91
CA TRP A 290 -6.95 -14.87 8.77
C TRP A 290 -7.80 -14.44 7.55
N GLN A 291 -7.56 -15.16 6.45
CA GLN A 291 -8.34 -14.85 5.22
C GLN A 291 -9.79 -15.20 5.48
N THR A 292 -10.10 -16.31 6.19
CA THR A 292 -11.52 -16.58 6.47
C THR A 292 -12.12 -15.56 7.42
N THR A 293 -11.40 -15.13 8.45
CA THR A 293 -11.92 -14.09 9.33
C THR A 293 -12.24 -12.82 8.55
N SER A 294 -11.29 -12.37 7.70
CA SER A 294 -11.51 -11.11 6.94
C SER A 294 -12.70 -11.22 6.02
N LEU A 295 -12.87 -12.37 5.30
CA LEU A 295 -13.99 -12.52 4.38
C LEU A 295 -15.33 -12.54 5.13
N THR A 296 -15.39 -13.05 6.34
CA THR A 296 -16.65 -13.18 7.07
C THR A 296 -16.86 -12.15 8.20
N THR A 297 -16.21 -10.98 8.21
CA THR A 297 -16.38 -9.94 9.21
C THR A 297 -16.92 -8.69 8.60
N ARG A 298 -18.08 -8.22 9.11
CA ARG A 298 -18.66 -6.97 8.60
C ARG A 298 -17.69 -5.77 8.76
N GLY A 299 -17.65 -4.89 7.73
CA GLY A 299 -16.68 -3.76 7.79
C GLY A 299 -15.49 -4.06 6.89
N MET A 300 -15.19 -5.31 6.52
CA MET A 300 -14.06 -5.60 5.65
C MET A 300 -14.44 -5.50 4.17
N GLY A 301 -13.68 -4.78 3.35
CA GLY A 301 -13.88 -4.71 1.92
C GLY A 301 -12.99 -5.55 1.08
N GLY A 302 -11.83 -5.95 1.62
CA GLY A 302 -10.95 -6.89 0.82
C GLY A 302 -9.65 -7.10 1.63
N ASP A 303 -8.77 -7.97 1.04
CA ASP A 303 -7.47 -8.29 1.69
C ASP A 303 -6.39 -8.55 0.63
N MET A 304 -5.11 -8.22 1.02
CA MET A 304 -3.95 -8.32 0.08
C MET A 304 -2.79 -8.90 0.85
N PHE A 305 -2.38 -10.14 0.53
CA PHE A 305 -1.23 -10.74 1.21
C PHE A 305 0.08 -10.07 0.81
N TRP A 306 1.06 -10.11 1.74
CA TRP A 306 2.45 -9.73 1.42
C TRP A 306 3.24 -11.02 1.25
N GLN A 307 3.72 -11.46 0.06
CA GLN A 307 3.68 -10.66 -1.18
C GLN A 307 3.79 -11.63 -2.37
N TRP A 308 3.45 -11.12 -3.59
CA TRP A 308 3.64 -11.92 -4.80
C TRP A 308 5.10 -12.20 -5.13
N GLY A 309 5.38 -13.45 -5.56
CA GLY A 309 6.71 -13.78 -6.16
C GLY A 309 6.47 -14.38 -7.55
N ASP A 310 7.36 -14.01 -8.47
CA ASP A 310 7.16 -14.59 -9.84
C ASP A 310 8.53 -14.74 -10.51
N THR A 311 8.55 -15.33 -11.70
CA THR A 311 9.77 -15.55 -12.46
C THR A 311 9.57 -15.17 -13.91
N PHE A 312 10.64 -14.89 -14.65
CA PHE A 312 10.53 -14.22 -15.95
C PHE A 312 11.02 -15.11 -17.11
N ALA A 313 10.73 -14.68 -18.36
CA ALA A 313 11.08 -15.49 -19.53
C ALA A 313 12.56 -15.89 -19.59
N ASN A 314 13.48 -15.05 -19.11
CA ASN A 314 14.92 -15.37 -19.17
C ASN A 314 15.39 -16.26 -18.01
N GLY A 315 14.47 -16.72 -17.14
CA GLY A 315 14.93 -17.58 -16.03
C GLY A 315 15.24 -16.80 -14.76
N ALA A 316 15.23 -15.48 -14.73
CA ALA A 316 15.43 -14.75 -13.49
C ALA A 316 14.17 -14.82 -12.59
N GLN A 317 14.37 -14.77 -11.29
CA GLN A 317 13.27 -14.60 -10.34
C GLN A 317 13.16 -13.15 -9.90
N SER A 318 11.94 -12.76 -9.48
CA SER A 318 11.73 -11.44 -8.90
C SER A 318 12.44 -11.26 -7.59
N ASN A 319 12.44 -9.99 -7.10
CA ASN A 319 12.83 -9.72 -5.71
C ASN A 319 11.95 -10.56 -4.79
N SER A 320 12.35 -10.93 -3.58
CA SER A 320 11.60 -11.77 -2.66
C SER A 320 12.08 -11.65 -1.23
N ASP A 321 11.31 -12.16 -0.29
CA ASP A 321 11.66 -12.18 1.14
C ASP A 321 11.03 -13.42 1.75
N PRO A 322 11.11 -13.69 3.06
CA PRO A 322 10.57 -14.92 3.67
C PRO A 322 9.06 -15.02 3.63
N TYR A 323 8.33 -13.95 3.24
CA TYR A 323 6.87 -13.97 3.15
C TYR A 323 6.43 -14.11 1.71
N THR A 324 7.30 -14.27 0.74
CA THR A 324 6.86 -14.43 -0.66
C THR A 324 6.07 -15.70 -0.88
N VAL A 325 4.93 -15.55 -1.60
CA VAL A 325 4.08 -16.67 -2.07
C VAL A 325 4.34 -16.75 -3.55
N TRP A 326 5.08 -17.75 -4.03
CA TRP A 326 5.50 -17.85 -5.44
C TRP A 326 4.35 -18.33 -6.34
N TYR A 327 4.15 -17.67 -7.49
CA TYR A 327 3.03 -18.11 -8.38
C TYR A 327 3.19 -19.59 -8.74
N ASN A 328 2.05 -20.31 -8.73
CA ASN A 328 1.94 -21.72 -9.14
C ASN A 328 2.48 -22.70 -8.11
N SER A 329 2.96 -22.29 -6.94
CA SER A 329 3.42 -23.17 -5.87
C SER A 329 2.27 -23.74 -5.08
N SER A 330 2.61 -24.67 -4.14
CA SER A 330 1.60 -25.19 -3.24
C SER A 330 1.03 -24.10 -2.33
N ASN A 331 1.81 -23.10 -1.89
CA ASN A 331 1.27 -22.01 -1.10
C ASN A 331 0.40 -21.11 -1.99
N TRP A 332 0.66 -20.95 -3.28
CA TRP A 332 -0.31 -20.24 -4.17
C TRP A 332 -1.61 -21.00 -4.17
N GLN A 333 -1.61 -22.35 -4.26
CA GLN A 333 -2.90 -23.09 -4.27
C GLN A 333 -3.62 -22.77 -2.97
N CYS A 334 -2.96 -22.87 -1.85
CA CYS A 334 -3.59 -22.71 -0.53
C CYS A 334 -4.12 -21.28 -0.20
N LEU A 335 -3.30 -20.28 -0.55
CA LEU A 335 -3.60 -18.90 -0.14
C LEU A 335 -4.10 -17.98 -1.21
N VAL A 336 -4.07 -18.41 -2.49
CA VAL A 336 -4.56 -17.66 -3.63
C VAL A 336 -5.73 -18.39 -4.31
N LYS A 337 -5.47 -19.49 -5.02
CA LYS A 337 -6.62 -20.14 -5.73
C LYS A 337 -7.67 -20.58 -4.72
N ASN A 338 -7.43 -21.20 -3.60
CA ASN A 338 -8.53 -21.65 -2.70
C ASN A 338 -9.24 -20.45 -2.12
N HIS A 339 -8.55 -19.32 -1.85
CA HIS A 339 -9.22 -18.15 -1.28
C HIS A 339 -10.07 -17.43 -2.29
N VAL A 340 -9.60 -17.25 -3.54
CA VAL A 340 -10.45 -16.71 -4.61
C VAL A 340 -11.68 -17.62 -4.83
N ASP A 341 -11.51 -18.95 -4.73
CA ASP A 341 -12.71 -19.82 -4.94
C ASP A 341 -13.70 -19.63 -3.83
N ALA A 342 -13.27 -19.35 -2.59
CA ALA A 342 -14.23 -19.18 -1.47
C ALA A 342 -14.94 -17.85 -1.57
N ILE A 343 -14.28 -16.80 -2.14
CA ILE A 343 -14.94 -15.50 -2.32
C ILE A 343 -16.04 -15.60 -3.37
N ASN A 344 -15.78 -16.38 -4.42
CA ASN A 344 -16.75 -16.54 -5.50
C ASN A 344 -16.29 -17.58 -6.52
C1 BMA B . 9.33 -2.96 16.52
C2 BMA B . 8.11 -3.25 15.64
C3 BMA B . 8.52 -3.66 14.20
C4 BMA B . 9.49 -2.63 13.61
C5 BMA B . 10.69 -2.38 14.59
C6 BMA B . 11.81 -1.51 14.07
O1 BMA B . 8.88 -2.45 17.78
O2 BMA B . 7.27 -2.09 15.56
O3 BMA B . 7.31 -3.65 13.42
O4 BMA B . 10.06 -3.02 12.39
O5 BMA B . 10.09 -1.88 15.84
O6 BMA B . 11.60 -0.10 14.09
C1 BMA B . 9.37 -2.65 11.22
C2 BMA B . 10.41 -2.78 10.07
C3 BMA B . 9.74 -2.54 8.72
C4 BMA B . 8.47 -3.39 8.60
C5 BMA B . 7.53 -3.25 9.79
C6 BMA B . 6.44 -4.37 9.81
O2 BMA B . 11.00 -4.08 10.07
O3 BMA B . 10.59 -2.76 7.63
O4 BMA B . 7.82 -3.01 7.38
O5 BMA B . 8.28 -3.61 11.02
O6 BMA B . 5.62 -3.93 10.90
S SO4 C . 2.48 -24.90 5.74
O1 SO4 C . 2.79 -23.70 4.78
O2 SO4 C . 3.75 -25.42 6.34
O3 SO4 C . 1.84 -26.01 4.95
O4 SO4 C . 1.51 -24.52 6.80
C1 GOL D . 6.42 -5.20 5.35
O1 GOL D . 6.21 -4.74 6.58
C2 GOL D . 6.87 -6.55 4.92
O2 GOL D . 8.21 -6.23 4.39
C3 GOL D . 7.15 -7.39 6.19
O3 GOL D . 8.14 -6.79 7.07
C1 GOL E . 10.34 -3.00 0.16
O1 GOL E . 10.34 -1.63 0.55
C2 GOL E . 11.14 -3.71 1.23
O2 GOL E . 10.12 -4.25 2.12
C3 GOL E . 12.17 -4.69 0.77
O3 GOL E . 11.63 -5.45 -0.32
C1 NAG F . 13.97 14.77 16.97
C2 NAG F . 14.37 14.15 18.30
C3 NAG F . 13.37 14.67 19.29
C4 NAG F . 13.47 16.21 19.22
C5 NAG F . 13.07 16.73 17.81
C6 NAG F . 13.14 18.25 17.76
C7 NAG F . 15.54 11.96 18.42
C8 NAG F . 15.37 10.48 18.30
N2 NAG F . 14.44 12.69 18.08
O3 NAG F . 13.80 14.22 20.58
O4 NAG F . 12.62 16.85 20.18
O5 NAG F . 14.04 16.18 16.92
O6 NAG F . 14.44 18.68 18.07
O7 NAG F . 16.53 12.45 18.78
C1 NAG G . -9.98 14.62 -15.65
C2 NAG G . -11.02 15.19 -16.61
C3 NAG G . -11.38 16.54 -16.01
C4 NAG G . -11.88 16.38 -14.54
C5 NAG G . -10.79 15.69 -13.68
C6 NAG G . -11.26 15.41 -12.25
C7 NAG G . -10.96 14.98 -19.06
C8 NAG G . -10.24 15.39 -20.30
N2 NAG G . -10.31 15.36 -17.92
O3 NAG G . -12.46 17.09 -16.80
O4 NAG G . -12.09 17.73 -13.98
O5 NAG G . -10.51 14.43 -14.31
O6 NAG G . -10.09 14.99 -11.45
O7 NAG G . -12.03 14.45 -19.02
C1 NAG H . -2.00 -17.05 22.04
C2 NAG H . -2.59 -18.31 22.59
C3 NAG H . -3.96 -18.12 23.22
C4 NAG H . -3.99 -16.75 23.92
C5 NAG H . -3.67 -15.59 22.94
C6 NAG H . -3.72 -14.25 23.65
C7 NAG H . -1.70 -20.16 21.15
C8 NAG H . -2.11 -21.25 20.21
N2 NAG H . -2.72 -19.35 21.55
O3 NAG H . -4.17 -19.22 24.11
O4 NAG H . -5.30 -16.48 24.46
O5 NAG H . -2.37 -15.74 22.42
O6 NAG H . -3.20 -13.21 22.94
O7 NAG H . -0.62 -20.02 21.52
C1 NAG I . 1.49 -23.05 -14.18
C2 NAG I . 2.38 -22.91 -15.39
C3 NAG I . 1.65 -23.41 -16.60
C4 NAG I . 1.09 -24.80 -16.25
C5 NAG I . 0.29 -24.91 -14.96
C6 NAG I . 0.03 -26.36 -14.58
C7 NAG I . 4.08 -21.15 -15.38
C8 NAG I . 4.36 -19.67 -15.46
N2 NAG I . 2.77 -21.47 -15.53
O3 NAG I . 2.73 -23.51 -17.58
O4 NAG I . 0.18 -25.22 -17.32
O5 NAG I . 1.08 -24.41 -13.86
O6 NAG I . -0.97 -26.39 -13.59
O7 NAG I . 4.93 -21.90 -15.19
#